data_4M76
#
_entry.id   4M76
#
_cell.length_a   144.460
_cell.length_b   65.120
_cell.length_c   62.540
_cell.angle_alpha   90.00
_cell.angle_beta   115.69
_cell.angle_gamma   90.00
#
_symmetry.space_group_name_H-M   'C 1 2 1'
#
loop_
_entity.id
_entity.type
_entity.pdbx_description
1 polymer 'Complement C3'
2 polymer 'Integrin alpha-M'
3 non-polymer 'NICKEL (II) ION'
4 water water
#
loop_
_entity_poly.entity_id
_entity_poly.type
_entity_poly.pdbx_seq_one_letter_code
_entity_poly.pdbx_strand_id
1 'polypeptide(L)'
;GAMAVDAERLKHLIVTPSGAGEQNMIGMTPTVIAVHYLDETEQWEKFGLEKRQGALELIKKGYTQQLAFRQPSSAFAAFV
KRAPSTWLTAYVVKVFSLAVNLIAIDSQVLCGAVKWLILEKQKPDGVFQEDAPVIHQEMIGGLRNNNEKDMALTAFVLIS
LQEAKDICEEQVNSLPGSITKAGDFLEANYMNLQRSYTVAIAGYALAQMGRLKGPLLNKFLTTAKDKNRWEDPGKQLYNV
EATSYALLALLQLKDFDFVPPVVRWLNEQRYYGGGYGSTQATFMVFQALAQYQKDAPD
;
A
2 'polypeptide(L)'
;GAMGSPQEDSDIAFLIDGSGSIIPHDFRRMKEFVSTVMEQLKKSKTLFSLMQYSEEFRIHFTFKEFQNNPNPRSLVKPIT
QLLGRTHTATGIRKVVRELFNITNGARKNAFKILVVITDGEKFGDPLGYEDVIPEADREGVIRYVIGVGDAFRSEKSRQE
LNTIASKPPRDHVFQVNNFEALKTIQNQLREKGFAIEG
;
B
#
# COMPACT_ATOMS: atom_id res chain seq x y z
N ALA A 2 -0.35 -11.55 -3.43
CA ALA A 2 -1.33 -12.28 -2.62
C ALA A 2 -2.40 -12.93 -3.49
N MET A 3 -3.32 -13.64 -2.85
CA MET A 3 -4.38 -14.35 -3.56
C MET A 3 -5.71 -13.61 -3.43
N ALA A 4 -6.48 -13.62 -4.52
CA ALA A 4 -7.77 -12.94 -4.56
C ALA A 4 -8.79 -13.58 -3.62
N VAL A 5 -9.73 -12.77 -3.16
CA VAL A 5 -10.78 -13.24 -2.25
C VAL A 5 -11.75 -14.17 -2.95
N ASP A 6 -12.10 -15.28 -2.29
CA ASP A 6 -13.09 -16.22 -2.80
C ASP A 6 -14.42 -15.53 -3.06
N ALA A 7 -14.93 -15.66 -4.27
CA ALA A 7 -16.15 -14.98 -4.69
C ALA A 7 -17.39 -15.51 -3.98
N GLU A 8 -17.27 -16.68 -3.38
CA GLU A 8 -18.39 -17.31 -2.67
C GLU A 8 -18.73 -16.55 -1.39
N ARG A 9 -17.77 -15.80 -0.86
CA ARG A 9 -17.99 -15.02 0.35
C ARG A 9 -18.46 -13.61 0.00
N LEU A 10 -18.70 -13.37 -1.29
CA LEU A 10 -19.14 -12.05 -1.76
C LEU A 10 -20.52 -12.11 -2.39
N LYS A 11 -21.25 -13.19 -2.12
CA LYS A 11 -22.57 -13.39 -2.70
C LYS A 11 -23.60 -12.39 -2.17
N HIS A 12 -23.41 -11.95 -0.93
CA HIS A 12 -24.37 -11.06 -0.28
C HIS A 12 -24.27 -9.63 -0.78
N LEU A 13 -23.31 -9.35 -1.63
CA LEU A 13 -23.11 -8.00 -2.16
C LEU A 13 -23.99 -7.71 -3.36
N ILE A 14 -24.64 -8.75 -3.88
CA ILE A 14 -25.59 -8.58 -4.98
C ILE A 14 -26.91 -8.04 -4.43
N VAL A 15 -27.00 -6.73 -4.32
CA VAL A 15 -28.15 -6.09 -3.68
C VAL A 15 -29.04 -5.37 -4.70
N THR A 16 -30.35 -5.58 -4.60
CA THR A 16 -31.30 -4.88 -5.45
C THR A 16 -31.54 -3.45 -4.96
N PRO A 17 -31.19 -2.47 -5.81
CA PRO A 17 -31.29 -1.05 -5.46
C PRO A 17 -32.74 -0.54 -5.45
N SER A 18 -33.12 0.15 -4.37
CA SER A 18 -34.46 0.72 -4.24
C SER A 18 -34.49 1.77 -3.14
N GLY A 19 -35.17 2.88 -3.40
CA GLY A 19 -35.33 3.93 -2.41
C GLY A 19 -35.18 5.33 -2.99
N ALA A 20 -34.89 6.28 -2.11
CA ALA A 20 -34.74 7.68 -2.50
C ALA A 20 -33.37 7.95 -3.11
N GLY A 21 -33.00 9.23 -3.18
CA GLY A 21 -31.74 9.64 -3.77
C GLY A 21 -30.52 9.13 -3.02
N GLU A 22 -30.70 8.78 -1.76
CA GLU A 22 -29.61 8.26 -0.94
C GLU A 22 -29.78 6.77 -0.69
N GLN A 23 -31.02 6.34 -0.51
CA GLN A 23 -31.33 4.95 -0.22
C GLN A 23 -30.96 4.04 -1.39
N ASN A 24 -31.10 4.57 -2.60
CA ASN A 24 -30.79 3.81 -3.81
C ASN A 24 -29.29 3.58 -3.98
N MET A 25 -28.49 4.61 -3.70
CA MET A 25 -27.05 4.51 -3.82
C MET A 25 -26.44 3.55 -2.80
N ILE A 26 -27.09 3.46 -1.65
CA ILE A 26 -26.66 2.53 -0.60
C ILE A 26 -26.76 1.10 -1.07
N GLY A 27 -27.83 0.78 -1.78
CA GLY A 27 -28.02 -0.55 -2.33
C GLY A 27 -27.28 -0.74 -3.64
N MET A 28 -27.00 0.35 -4.32
CA MET A 28 -26.29 0.31 -5.60
C MET A 28 -24.80 0.08 -5.41
N THR A 29 -24.25 0.69 -4.37
CA THR A 29 -22.81 0.63 -4.07
C THR A 29 -22.20 -0.79 -4.03
N PRO A 30 -22.79 -1.70 -3.23
CA PRO A 30 -22.12 -3.01 -3.13
C PRO A 30 -22.18 -3.81 -4.42
N THR A 31 -23.26 -3.67 -5.18
CA THR A 31 -23.42 -4.38 -6.44
C THR A 31 -22.38 -3.93 -7.47
N VAL A 32 -22.22 -2.62 -7.59
CA VAL A 32 -21.27 -2.04 -8.54
C VAL A 32 -19.84 -2.48 -8.25
N ILE A 33 -19.46 -2.42 -6.97
CA ILE A 33 -18.10 -2.74 -6.56
C ILE A 33 -17.87 -4.26 -6.50
N ALA A 34 -18.96 -5.02 -6.49
CA ALA A 34 -18.86 -6.48 -6.48
C ALA A 34 -18.37 -7.01 -7.82
N VAL A 35 -19.05 -6.58 -8.88
CA VAL A 35 -18.69 -7.03 -10.22
C VAL A 35 -17.39 -6.40 -10.70
N HIS A 36 -17.06 -5.23 -10.15
CA HIS A 36 -15.81 -4.55 -10.50
C HIS A 36 -14.63 -5.36 -9.98
N TYR A 37 -14.78 -5.94 -8.80
CA TYR A 37 -13.75 -6.76 -8.20
C TYR A 37 -13.64 -8.10 -8.92
N LEU A 38 -14.78 -8.71 -9.21
CA LEU A 38 -14.81 -10.00 -9.89
C LEU A 38 -14.39 -9.89 -11.36
N ASP A 39 -14.50 -8.69 -11.92
CA ASP A 39 -14.00 -8.45 -13.27
C ASP A 39 -12.50 -8.56 -13.31
N GLU A 40 -11.84 -7.86 -12.37
CA GLU A 40 -10.39 -7.83 -12.30
C GLU A 40 -9.82 -9.18 -11.89
N THR A 41 -10.36 -9.74 -10.81
CA THR A 41 -9.87 -11.02 -10.29
C THR A 41 -10.30 -12.20 -11.16
N GLU A 42 -11.26 -11.95 -12.04
CA GLU A 42 -11.75 -12.95 -12.99
C GLU A 42 -12.22 -14.23 -12.31
N GLN A 43 -13.32 -14.14 -11.57
CA GLN A 43 -13.87 -15.29 -10.88
C GLN A 43 -15.29 -15.59 -11.38
N TRP A 44 -15.56 -15.28 -12.63
CA TRP A 44 -16.87 -15.50 -13.21
C TRP A 44 -17.12 -16.94 -13.62
N GLU A 45 -16.05 -17.74 -13.63
CA GLU A 45 -16.15 -19.14 -14.02
C GLU A 45 -16.60 -20.02 -12.85
N LYS A 46 -16.03 -19.77 -11.68
CA LYS A 46 -16.39 -20.53 -10.48
C LYS A 46 -17.63 -19.93 -9.81
N PHE A 47 -18.23 -18.93 -10.43
CA PHE A 47 -19.38 -18.25 -9.86
C PHE A 47 -20.57 -18.27 -10.80
N GLY A 48 -20.32 -18.51 -12.08
CA GLY A 48 -21.37 -18.58 -13.07
C GLY A 48 -21.53 -17.30 -13.86
N LEU A 49 -21.23 -17.36 -15.16
CA LEU A 49 -21.32 -16.19 -16.03
C LEU A 49 -22.77 -15.78 -16.26
N GLU A 50 -23.69 -16.70 -16.03
CA GLU A 50 -25.11 -16.43 -16.17
C GLU A 50 -25.57 -15.46 -15.09
N LYS A 51 -24.82 -15.41 -14.00
CA LYS A 51 -25.13 -14.53 -12.87
C LYS A 51 -24.59 -13.12 -13.10
N ARG A 52 -23.62 -12.98 -14.00
CA ARG A 52 -23.02 -11.68 -14.28
C ARG A 52 -24.06 -10.70 -14.84
N GLN A 53 -24.82 -11.16 -15.83
CA GLN A 53 -25.88 -10.34 -16.41
C GLN A 53 -27.01 -10.13 -15.41
N GLY A 54 -27.16 -11.07 -14.48
CA GLY A 54 -28.17 -10.97 -13.45
C GLY A 54 -27.84 -9.90 -12.43
N ALA A 55 -26.59 -9.44 -12.45
CA ALA A 55 -26.14 -8.39 -11.55
C ALA A 55 -25.81 -7.12 -12.32
N LEU A 56 -25.38 -7.28 -13.58
CA LEU A 56 -25.02 -6.15 -14.42
C LEU A 56 -26.24 -5.29 -14.73
N GLU A 57 -27.39 -5.92 -14.87
CA GLU A 57 -28.63 -5.20 -15.16
C GLU A 57 -29.18 -4.54 -13.90
N LEU A 58 -28.81 -5.07 -12.73
CA LEU A 58 -29.20 -4.45 -11.47
C LEU A 58 -28.50 -3.11 -11.29
N ILE A 59 -27.27 -3.02 -11.77
CA ILE A 59 -26.52 -1.78 -11.75
C ILE A 59 -27.19 -0.75 -12.65
N LYS A 60 -27.67 -1.24 -13.80
CA LYS A 60 -28.40 -0.40 -14.74
C LYS A 60 -29.69 0.11 -14.11
N LYS A 61 -30.32 -0.75 -13.31
CA LYS A 61 -31.55 -0.40 -12.62
C LYS A 61 -31.31 0.72 -11.62
N GLY A 62 -30.24 0.59 -10.83
CA GLY A 62 -29.89 1.60 -9.84
C GLY A 62 -29.53 2.92 -10.47
N TYR A 63 -28.89 2.85 -11.64
CA TYR A 63 -28.49 4.04 -12.38
C TYR A 63 -29.69 4.86 -12.85
N THR A 64 -30.63 4.17 -13.49
CA THR A 64 -31.83 4.83 -14.02
C THR A 64 -32.72 5.36 -12.90
N GLN A 65 -32.79 4.63 -11.79
CA GLN A 65 -33.58 5.05 -10.64
C GLN A 65 -32.97 6.25 -9.95
N GLN A 66 -31.65 6.40 -10.08
CA GLN A 66 -30.95 7.52 -9.47
C GLN A 66 -31.10 8.77 -10.32
N LEU A 67 -31.37 8.58 -11.61
CA LEU A 67 -31.55 9.70 -12.54
C LEU A 67 -32.80 10.50 -12.21
N ALA A 68 -33.75 9.86 -11.53
CA ALA A 68 -35.00 10.52 -11.15
C ALA A 68 -34.76 11.59 -10.09
N PHE A 69 -33.64 11.47 -9.39
CA PHE A 69 -33.31 12.41 -8.33
C PHE A 69 -32.25 13.41 -8.77
N ARG A 70 -32.02 13.48 -10.09
CA ARG A 70 -31.10 14.44 -10.66
C ARG A 70 -31.77 15.80 -10.82
N GLN A 71 -31.34 16.78 -10.03
CA GLN A 71 -31.92 18.11 -10.04
C GLN A 71 -31.51 18.88 -11.29
N PRO A 72 -32.28 19.92 -11.67
CA PRO A 72 -31.99 20.72 -12.87
C PRO A 72 -30.58 21.30 -12.94
N SER A 73 -29.94 21.49 -11.78
CA SER A 73 -28.57 21.98 -11.76
C SER A 73 -27.58 20.81 -11.84
N SER A 74 -28.09 19.66 -12.28
CA SER A 74 -27.31 18.44 -12.41
C SER A 74 -26.72 17.98 -11.07
N ALA A 75 -27.34 18.41 -9.98
CA ALA A 75 -26.90 18.02 -8.65
C ALA A 75 -27.82 16.92 -8.10
N PHE A 76 -27.43 16.33 -6.97
CA PHE A 76 -28.19 15.23 -6.39
C PHE A 76 -28.56 15.46 -4.93
N ALA A 77 -29.79 15.10 -4.60
CA ALA A 77 -30.26 15.15 -3.21
C ALA A 77 -31.11 13.92 -2.94
N ALA A 78 -31.46 13.70 -1.68
CA ALA A 78 -32.30 12.57 -1.31
C ALA A 78 -33.68 12.70 -1.94
N PHE A 79 -34.19 13.93 -1.96
CA PHE A 79 -35.50 14.22 -2.53
C PHE A 79 -35.35 15.27 -3.64
N VAL A 80 -36.34 15.34 -4.51
CA VAL A 80 -36.30 16.27 -5.63
C VAL A 80 -36.49 17.72 -5.18
N LYS A 81 -37.05 17.89 -3.98
CA LYS A 81 -37.31 19.22 -3.43
C LYS A 81 -36.24 19.60 -2.41
N ARG A 82 -35.58 18.59 -1.85
CA ARG A 82 -34.53 18.81 -0.86
C ARG A 82 -33.31 19.47 -1.48
N ALA A 83 -32.66 20.36 -0.72
CA ALA A 83 -31.45 21.03 -1.17
C ALA A 83 -30.34 20.03 -1.48
N PRO A 84 -29.68 20.21 -2.63
CA PRO A 84 -28.64 19.28 -3.10
C PRO A 84 -27.46 19.15 -2.14
N SER A 85 -26.98 17.93 -1.94
CA SER A 85 -25.86 17.67 -1.05
C SER A 85 -24.55 17.68 -1.82
N THR A 86 -23.52 18.28 -1.23
CA THR A 86 -22.20 18.32 -1.84
C THR A 86 -21.56 16.93 -1.82
N TRP A 87 -21.76 16.21 -0.71
CA TRP A 87 -21.18 14.88 -0.58
C TRP A 87 -21.86 13.86 -1.48
N LEU A 88 -23.19 13.84 -1.46
CA LEU A 88 -23.97 12.88 -2.26
C LEU A 88 -23.67 13.03 -3.74
N THR A 89 -23.61 14.27 -4.21
CA THR A 89 -23.32 14.56 -5.61
C THR A 89 -21.93 14.05 -5.96
N ALA A 90 -20.97 14.29 -5.08
CA ALA A 90 -19.60 13.84 -5.28
C ALA A 90 -19.49 12.32 -5.19
N TYR A 91 -20.43 11.70 -4.49
CA TYR A 91 -20.43 10.25 -4.35
C TYR A 91 -21.07 9.58 -5.56
N VAL A 92 -22.05 10.26 -6.16
CA VAL A 92 -22.68 9.78 -7.39
C VAL A 92 -21.67 9.76 -8.52
N VAL A 93 -20.87 10.82 -8.61
CA VAL A 93 -19.80 10.91 -9.59
C VAL A 93 -18.79 9.79 -9.38
N LYS A 94 -18.50 9.50 -8.12
CA LYS A 94 -17.49 8.52 -7.74
C LYS A 94 -17.91 7.10 -8.13
N VAL A 95 -19.16 6.76 -7.86
CA VAL A 95 -19.68 5.43 -8.18
C VAL A 95 -19.84 5.24 -9.68
N PHE A 96 -20.37 6.26 -10.35
CA PHE A 96 -20.61 6.19 -11.79
C PHE A 96 -19.32 6.09 -12.60
N SER A 97 -18.29 6.78 -12.12
CA SER A 97 -17.00 6.79 -12.82
C SER A 97 -16.37 5.40 -12.85
N LEU A 98 -16.64 4.60 -11.82
CA LEU A 98 -16.10 3.26 -11.72
C LEU A 98 -16.97 2.28 -12.52
N ALA A 99 -18.15 2.73 -12.92
CA ALA A 99 -19.10 1.86 -13.62
C ALA A 99 -19.28 2.24 -15.08
N VAL A 100 -18.39 3.08 -15.61
CA VAL A 100 -18.47 3.51 -16.99
C VAL A 100 -18.16 2.36 -17.96
N ASN A 101 -17.36 1.40 -17.49
CA ASN A 101 -17.01 0.24 -18.29
C ASN A 101 -17.91 -0.96 -17.99
N LEU A 102 -18.88 -0.74 -17.12
CA LEU A 102 -19.85 -1.77 -16.78
C LEU A 102 -21.15 -1.58 -17.56
N ILE A 103 -21.78 -0.42 -17.37
CA ILE A 103 -23.00 -0.08 -18.10
C ILE A 103 -22.84 1.24 -18.83
N ALA A 104 -23.83 1.59 -19.64
CA ALA A 104 -23.78 2.83 -20.41
C ALA A 104 -24.11 4.04 -19.54
N ILE A 105 -23.08 4.76 -19.11
CA ILE A 105 -23.25 5.95 -18.30
C ILE A 105 -23.29 7.20 -19.16
N ASP A 106 -24.41 7.91 -19.12
CA ASP A 106 -24.57 9.15 -19.88
C ASP A 106 -23.58 10.20 -19.37
N SER A 107 -22.72 10.67 -20.26
CA SER A 107 -21.64 11.57 -19.89
C SER A 107 -22.13 12.95 -19.42
N GLN A 108 -23.26 13.39 -19.96
CA GLN A 108 -23.82 14.69 -19.61
C GLN A 108 -24.24 14.75 -18.15
N VAL A 109 -24.70 13.62 -17.63
CA VAL A 109 -25.10 13.51 -16.23
C VAL A 109 -23.88 13.60 -15.32
N LEU A 110 -22.84 12.86 -15.68
CA LEU A 110 -21.62 12.78 -14.89
C LEU A 110 -20.87 14.12 -14.88
N CYS A 111 -20.72 14.72 -16.05
CA CYS A 111 -19.98 15.96 -16.18
C CYS A 111 -20.76 17.15 -15.62
N GLY A 112 -22.09 17.07 -15.68
CA GLY A 112 -22.93 18.13 -15.14
C GLY A 112 -22.80 18.25 -13.63
N ALA A 113 -22.69 17.11 -12.97
CA ALA A 113 -22.54 17.08 -11.52
C ALA A 113 -21.18 17.61 -11.10
N VAL A 114 -20.16 17.29 -11.89
CA VAL A 114 -18.80 17.76 -11.64
C VAL A 114 -18.73 19.28 -11.76
N LYS A 115 -19.37 19.80 -12.81
CA LYS A 115 -19.40 21.24 -13.05
C LYS A 115 -20.11 21.99 -11.93
N TRP A 116 -21.15 21.37 -11.37
CA TRP A 116 -21.90 21.99 -10.29
C TRP A 116 -21.07 22.05 -9.00
N LEU A 117 -20.35 20.98 -8.71
CA LEU A 117 -19.51 20.91 -7.52
C LEU A 117 -18.42 21.99 -7.54
N ILE A 118 -17.86 22.22 -8.73
CA ILE A 118 -16.79 23.18 -8.89
C ILE A 118 -17.29 24.63 -8.83
N LEU A 119 -18.32 24.91 -9.62
CA LEU A 119 -18.82 26.28 -9.77
C LEU A 119 -19.52 26.83 -8.53
N GLU A 120 -20.34 26.02 -7.89
CA GLU A 120 -21.20 26.50 -6.81
C GLU A 120 -20.81 26.03 -5.41
N LYS A 121 -19.98 25.00 -5.32
CA LYS A 121 -19.67 24.41 -4.03
C LYS A 121 -18.19 24.43 -3.64
N GLN A 122 -17.40 25.23 -4.36
CA GLN A 122 -15.97 25.32 -4.03
C GLN A 122 -15.57 26.72 -3.59
N LYS A 123 -15.10 26.82 -2.34
CA LYS A 123 -14.60 28.07 -1.79
C LYS A 123 -13.35 28.49 -2.58
N PRO A 124 -13.13 29.81 -2.74
CA PRO A 124 -11.98 30.34 -3.47
C PRO A 124 -10.62 29.80 -3.02
N ASP A 125 -10.53 29.22 -1.83
CA ASP A 125 -9.28 28.66 -1.35
C ASP A 125 -9.19 27.16 -1.63
N GLY A 126 -10.10 26.66 -2.47
CA GLY A 126 -10.09 25.26 -2.88
C GLY A 126 -11.05 24.39 -2.10
N VAL A 127 -11.43 24.86 -0.91
CA VAL A 127 -12.28 24.09 -0.01
C VAL A 127 -13.67 23.81 -0.58
N PHE A 128 -14.09 22.55 -0.54
CA PHE A 128 -15.47 22.18 -0.86
C PHE A 128 -16.29 22.17 0.42
N GLN A 129 -17.48 22.77 0.36
CA GLN A 129 -18.32 22.91 1.55
C GLN A 129 -19.68 22.24 1.38
N GLU A 130 -20.13 21.57 2.43
CA GLU A 130 -21.45 20.95 2.45
C GLU A 130 -22.46 21.87 3.11
N ASP A 131 -23.48 22.27 2.36
CA ASP A 131 -24.50 23.19 2.86
C ASP A 131 -25.83 22.49 3.13
N ALA A 132 -25.93 21.24 2.70
CA ALA A 132 -27.13 20.44 2.92
C ALA A 132 -26.77 18.97 3.11
N PRO A 133 -26.37 18.60 4.34
CA PRO A 133 -25.93 17.24 4.68
C PRO A 133 -26.96 16.17 4.32
N VAL A 134 -26.49 14.95 4.15
CA VAL A 134 -27.35 13.82 3.82
C VAL A 134 -28.08 13.31 5.06
N ILE A 135 -29.26 12.72 4.85
CA ILE A 135 -30.06 12.19 5.95
C ILE A 135 -29.39 10.95 6.54
N HIS A 136 -29.17 9.94 5.71
CA HIS A 136 -28.47 8.74 6.14
C HIS A 136 -27.01 9.05 6.41
N GLN A 137 -26.71 9.49 7.63
CA GLN A 137 -25.35 9.90 7.99
C GLN A 137 -24.39 8.72 8.14
N GLU A 138 -24.91 7.50 8.02
CA GLU A 138 -24.09 6.31 8.20
C GLU A 138 -23.50 5.81 6.89
N MET A 139 -23.80 6.50 5.79
CA MET A 139 -23.32 6.08 4.47
C MET A 139 -22.06 6.83 4.06
N ILE A 140 -21.59 7.73 4.92
CA ILE A 140 -20.45 8.58 4.58
C ILE A 140 -19.16 8.14 5.25
N GLY A 141 -19.21 6.98 5.93
CA GLY A 141 -18.02 6.41 6.55
C GLY A 141 -17.44 7.27 7.66
N GLY A 142 -16.12 7.39 7.66
CA GLY A 142 -15.42 8.11 8.71
C GLY A 142 -15.55 9.62 8.62
N LEU A 143 -16.25 10.11 7.61
CA LEU A 143 -16.51 11.54 7.47
C LEU A 143 -17.54 11.99 8.49
N ARG A 144 -18.25 11.01 9.06
CA ARG A 144 -19.26 11.26 10.08
C ARG A 144 -18.61 11.65 11.40
N ASN A 145 -18.99 12.82 11.92
CA ASN A 145 -18.44 13.34 13.18
C ASN A 145 -16.92 13.38 13.20
N ASN A 146 -16.34 14.08 12.25
CA ASN A 146 -14.89 14.22 12.16
C ASN A 146 -14.48 15.63 12.53
N ASN A 147 -13.50 15.75 13.42
CA ASN A 147 -12.96 17.06 13.80
C ASN A 147 -12.46 17.81 12.57
N GLU A 148 -11.77 17.10 11.71
CA GLU A 148 -11.27 17.67 10.47
C GLU A 148 -11.98 17.08 9.26
N LYS A 149 -12.62 17.84 8.36
CA LYS A 149 -13.14 19.24 8.42
C LYS A 149 -13.42 19.62 6.98
N ASP A 150 -13.00 20.81 6.59
CA ASP A 150 -12.90 21.17 5.18
C ASP A 150 -11.96 20.20 4.49
N MET A 151 -10.93 19.76 5.21
CA MET A 151 -9.93 18.84 4.68
C MET A 151 -10.52 17.51 4.23
N ALA A 152 -11.28 16.87 5.12
CA ALA A 152 -11.86 15.56 4.85
C ALA A 152 -12.83 15.59 3.67
N LEU A 153 -13.66 16.63 3.62
CA LEU A 153 -14.65 16.75 2.55
C LEU A 153 -13.99 17.11 1.22
N THR A 154 -13.02 18.02 1.26
CA THR A 154 -12.31 18.43 0.06
C THR A 154 -11.55 17.24 -0.54
N ALA A 155 -10.94 16.45 0.33
CA ALA A 155 -10.22 15.25 -0.08
C ALA A 155 -11.16 14.28 -0.78
N PHE A 156 -12.36 14.11 -0.22
CA PHE A 156 -13.35 13.20 -0.77
C PHE A 156 -13.82 13.63 -2.16
N VAL A 157 -14.23 14.88 -2.28
CA VAL A 157 -14.72 15.42 -3.55
C VAL A 157 -13.63 15.39 -4.62
N LEU A 158 -12.41 15.75 -4.22
CA LEU A 158 -11.27 15.80 -5.14
C LEU A 158 -10.95 14.43 -5.73
N ILE A 159 -11.08 13.39 -4.92
CA ILE A 159 -10.86 12.02 -5.37
C ILE A 159 -11.88 11.65 -6.46
N SER A 160 -13.10 12.13 -6.29
CA SER A 160 -14.16 11.89 -7.27
C SER A 160 -13.87 12.61 -8.59
N LEU A 161 -13.38 13.84 -8.49
CA LEU A 161 -13.08 14.65 -9.66
C LEU A 161 -11.95 14.04 -10.48
N GLN A 162 -10.96 13.48 -9.79
CA GLN A 162 -9.81 12.88 -10.46
C GLN A 162 -10.19 11.58 -11.16
N GLU A 163 -11.18 10.88 -10.60
CA GLU A 163 -11.67 9.64 -11.21
C GLU A 163 -12.55 9.93 -12.41
N ALA A 164 -12.91 11.19 -12.60
CA ALA A 164 -13.72 11.61 -13.74
C ALA A 164 -13.05 12.74 -14.50
N LYS A 165 -11.75 12.90 -14.27
CA LYS A 165 -10.98 13.97 -14.90
C LYS A 165 -10.90 13.81 -16.41
N ASP A 166 -10.52 12.62 -16.86
CA ASP A 166 -10.31 12.35 -18.28
C ASP A 166 -11.61 12.39 -19.08
N ILE A 167 -12.69 11.89 -18.48
CA ILE A 167 -13.96 11.75 -19.18
C ILE A 167 -14.75 13.06 -19.25
N CYS A 168 -14.38 14.02 -18.41
CA CYS A 168 -15.09 15.30 -18.36
C CYS A 168 -14.17 16.51 -18.51
N GLU A 169 -12.97 16.28 -19.05
CA GLU A 169 -12.02 17.37 -19.24
C GLU A 169 -12.44 18.27 -20.40
N GLU A 170 -13.09 17.68 -21.39
CA GLU A 170 -13.50 18.41 -22.58
C GLU A 170 -14.70 19.33 -22.31
N GLN A 171 -15.69 18.79 -21.61
CA GLN A 171 -16.92 19.54 -21.34
C GLN A 171 -16.71 20.60 -20.25
N VAL A 172 -16.01 20.23 -19.19
CA VAL A 172 -15.75 21.15 -18.10
C VAL A 172 -14.28 21.59 -18.11
N ASN A 173 -14.05 22.85 -18.50
CA ASN A 173 -12.69 23.36 -18.65
C ASN A 173 -12.08 23.87 -17.35
N SER A 174 -12.93 24.20 -16.38
CA SER A 174 -12.47 24.69 -15.09
C SER A 174 -12.10 23.55 -14.15
N LEU A 175 -12.07 22.33 -14.70
CA LEU A 175 -11.77 21.13 -13.92
C LEU A 175 -10.32 21.00 -13.45
N PRO A 176 -9.34 21.19 -14.36
CA PRO A 176 -7.95 21.09 -13.88
C PRO A 176 -7.60 22.21 -12.90
N GLY A 177 -8.23 23.36 -13.04
CA GLY A 177 -7.98 24.49 -12.16
C GLY A 177 -8.52 24.24 -10.77
N SER A 178 -9.70 23.61 -10.69
CA SER A 178 -10.32 23.28 -9.42
C SER A 178 -9.54 22.19 -8.71
N ILE A 179 -9.04 21.24 -9.49
CA ILE A 179 -8.24 20.14 -8.96
C ILE A 179 -6.98 20.67 -8.29
N THR A 180 -6.28 21.57 -8.98
CA THR A 180 -5.06 22.17 -8.45
C THR A 180 -5.35 22.95 -7.17
N LYS A 181 -6.43 23.74 -7.19
CA LYS A 181 -6.84 24.53 -6.03
C LYS A 181 -7.13 23.67 -4.81
N ALA A 182 -7.80 22.55 -5.03
CA ALA A 182 -8.12 21.62 -3.96
C ALA A 182 -6.85 20.97 -3.41
N GLY A 183 -5.92 20.65 -4.31
CA GLY A 183 -4.66 20.05 -3.93
C GLY A 183 -3.77 21.03 -3.19
N ASP A 184 -3.93 22.32 -3.49
CA ASP A 184 -3.14 23.36 -2.83
C ASP A 184 -3.56 23.51 -1.36
N PHE A 185 -4.85 23.37 -1.09
CA PHE A 185 -5.35 23.48 0.27
C PHE A 185 -4.92 22.29 1.12
N LEU A 186 -4.98 21.10 0.54
CA LEU A 186 -4.60 19.87 1.24
C LEU A 186 -3.12 19.88 1.60
N GLU A 187 -2.28 20.20 0.62
CA GLU A 187 -0.83 20.22 0.81
C GLU A 187 -0.41 21.29 1.83
N ALA A 188 -1.19 22.36 1.91
CA ALA A 188 -0.87 23.47 2.81
C ALA A 188 -1.25 23.18 4.25
N ASN A 189 -2.13 22.21 4.47
CA ASN A 189 -2.62 21.89 5.81
C ASN A 189 -2.49 20.41 6.16
N TYR A 190 -1.72 19.66 5.38
CA TYR A 190 -1.59 18.22 5.58
C TYR A 190 -0.79 17.88 6.83
N MET A 191 0.24 18.68 7.10
CA MET A 191 1.12 18.43 8.23
C MET A 191 0.43 18.68 9.57
N ASN A 192 -0.65 19.46 9.55
CA ASN A 192 -1.36 19.81 10.77
C ASN A 192 -2.50 18.84 11.10
N LEU A 193 -2.59 17.75 10.34
CA LEU A 193 -3.63 16.75 10.56
C LEU A 193 -3.31 15.87 11.76
N GLN A 194 -4.34 15.50 12.51
CA GLN A 194 -4.15 14.70 13.73
C GLN A 194 -4.80 13.32 13.62
N ARG A 195 -5.96 13.26 12.97
CA ARG A 195 -6.67 11.99 12.81
C ARG A 195 -6.10 11.16 11.66
N SER A 196 -6.02 9.86 11.88
CA SER A 196 -5.45 8.94 10.88
C SER A 196 -6.34 8.83 9.64
N TYR A 197 -7.65 8.99 9.83
CA TYR A 197 -8.59 8.91 8.73
C TYR A 197 -8.33 9.99 7.69
N THR A 198 -8.17 11.22 8.16
CA THR A 198 -7.93 12.35 7.27
C THR A 198 -6.57 12.23 6.60
N VAL A 199 -5.59 11.74 7.34
CA VAL A 199 -4.24 11.53 6.82
C VAL A 199 -4.27 10.54 5.66
N ALA A 200 -5.08 9.50 5.81
CA ALA A 200 -5.19 8.46 4.79
C ALA A 200 -5.92 8.94 3.54
N ILE A 201 -7.09 9.56 3.73
CA ILE A 201 -7.92 9.98 2.60
C ILE A 201 -7.33 11.18 1.84
N ALA A 202 -6.71 12.11 2.55
CA ALA A 202 -6.09 13.26 1.91
C ALA A 202 -4.75 12.88 1.30
N GLY A 203 -4.10 11.88 1.90
CA GLY A 203 -2.84 11.37 1.39
C GLY A 203 -3.02 10.73 0.02
N TYR A 204 -4.15 10.07 -0.16
CA TYR A 204 -4.48 9.45 -1.44
C TYR A 204 -4.76 10.50 -2.50
N ALA A 205 -5.48 11.55 -2.11
CA ALA A 205 -5.80 12.65 -3.01
C ALA A 205 -4.54 13.34 -3.50
N LEU A 206 -3.56 13.48 -2.62
CA LEU A 206 -2.28 14.09 -2.96
C LEU A 206 -1.44 13.15 -3.82
N ALA A 207 -1.52 11.86 -3.51
CA ALA A 207 -0.74 10.85 -4.22
C ALA A 207 -1.16 10.73 -5.69
N GLN A 208 -2.43 10.97 -5.96
CA GLN A 208 -2.94 10.90 -7.32
C GLN A 208 -2.43 12.05 -8.18
N MET A 209 -1.88 13.07 -7.53
CA MET A 209 -1.33 14.23 -8.22
C MET A 209 0.18 14.10 -8.35
N GLY A 210 0.78 13.32 -7.47
CA GLY A 210 2.23 13.24 -7.38
C GLY A 210 2.73 14.31 -6.44
N ARG A 211 1.87 14.73 -5.52
CA ARG A 211 2.19 15.78 -4.57
C ARG A 211 2.33 15.23 -3.16
N LEU A 212 2.44 13.91 -3.05
CA LEU A 212 2.70 13.27 -1.77
C LEU A 212 4.19 12.94 -1.66
N LYS A 213 4.99 13.96 -1.39
CA LYS A 213 6.43 13.79 -1.29
C LYS A 213 6.96 14.45 -0.02
N GLY A 214 8.24 14.19 0.27
CA GLY A 214 8.92 14.81 1.40
C GLY A 214 8.28 14.55 2.75
N PRO A 215 8.05 15.62 3.53
CA PRO A 215 7.48 15.53 4.88
C PRO A 215 6.04 15.02 4.87
N LEU A 216 5.33 15.26 3.77
CA LEU A 216 3.96 14.79 3.63
C LEU A 216 3.92 13.27 3.58
N LEU A 217 4.90 12.69 2.90
CA LEU A 217 5.02 11.24 2.80
C LEU A 217 5.39 10.64 4.14
N ASN A 218 6.37 11.22 4.80
CA ASN A 218 6.81 10.76 6.12
C ASN A 218 5.67 10.83 7.13
N LYS A 219 4.88 11.89 7.05
CA LYS A 219 3.69 12.05 7.88
C LYS A 219 2.71 10.92 7.62
N PHE A 220 2.55 10.58 6.35
CA PHE A 220 1.61 9.56 5.92
C PHE A 220 2.02 8.16 6.39
N LEU A 221 3.29 7.82 6.18
CA LEU A 221 3.80 6.49 6.51
C LEU A 221 3.90 6.25 8.01
N THR A 222 4.28 7.28 8.76
CA THR A 222 4.49 7.15 10.19
C THR A 222 3.20 7.22 11.00
N THR A 223 2.11 7.58 10.34
CA THR A 223 0.80 7.62 10.99
C THR A 223 0.27 6.20 11.14
N ALA A 224 0.79 5.30 10.30
CA ALA A 224 0.35 3.91 10.30
C ALA A 224 0.75 3.16 11.57
N LYS A 225 -0.24 2.62 12.27
CA LYS A 225 0.00 1.81 13.46
C LYS A 225 0.67 0.50 13.06
N ASP A 226 1.90 0.30 13.54
CA ASP A 226 2.68 -0.90 13.24
C ASP A 226 2.89 -1.14 11.74
N LYS A 227 2.89 -0.05 10.98
CA LYS A 227 3.17 -0.09 9.54
C LYS A 227 2.19 -0.93 8.71
N ASN A 228 1.05 -1.32 9.28
CA ASN A 228 0.11 -2.17 8.56
C ASN A 228 -1.33 -1.66 8.48
N ARG A 229 -1.68 -0.65 9.29
CA ARG A 229 -3.00 -0.05 9.20
C ARG A 229 -3.08 1.36 9.79
N TRP A 230 -4.03 2.14 9.28
CA TRP A 230 -4.28 3.49 9.79
C TRP A 230 -5.47 3.45 10.73
N GLU A 231 -5.19 3.48 12.02
CA GLU A 231 -6.21 3.19 13.03
C GLU A 231 -6.61 4.36 13.90
N ASP A 232 -7.92 4.60 13.96
CA ASP A 232 -8.52 5.51 14.93
C ASP A 232 -9.21 4.66 16.00
N PRO A 233 -9.27 5.16 17.25
CA PRO A 233 -9.73 4.40 18.42
C PRO A 233 -10.96 3.52 18.20
N GLY A 234 -12.07 4.10 17.74
CA GLY A 234 -13.29 3.34 17.64
C GLY A 234 -13.83 3.17 16.23
N LYS A 235 -14.96 2.48 16.11
CA LYS A 235 -15.59 2.25 14.82
C LYS A 235 -14.65 1.56 13.82
N GLN A 236 -14.60 0.23 13.90
CA GLN A 236 -13.75 -0.58 13.02
C GLN A 236 -13.96 -0.28 11.54
N LEU A 237 -15.21 0.02 11.17
CA LEU A 237 -15.56 0.28 9.78
C LEU A 237 -14.82 1.48 9.21
N TYR A 238 -14.52 2.44 10.09
CA TYR A 238 -13.79 3.63 9.69
C TYR A 238 -12.33 3.27 9.43
N ASN A 239 -11.76 2.43 10.28
CA ASN A 239 -10.37 2.01 10.14
C ASN A 239 -10.12 1.16 8.89
N VAL A 240 -11.11 0.36 8.51
CA VAL A 240 -11.03 -0.42 7.28
C VAL A 240 -11.05 0.51 6.08
N GLU A 241 -11.92 1.51 6.13
CA GLU A 241 -12.06 2.49 5.07
C GLU A 241 -10.78 3.32 4.90
N ALA A 242 -10.19 3.71 6.03
CA ALA A 242 -8.99 4.53 6.02
C ALA A 242 -7.79 3.75 5.48
N THR A 243 -7.64 2.51 5.92
CA THR A 243 -6.55 1.66 5.48
C THR A 243 -6.66 1.38 3.99
N SER A 244 -7.89 1.34 3.49
CA SER A 244 -8.13 1.12 2.06
C SER A 244 -7.67 2.33 1.24
N TYR A 245 -7.88 3.53 1.78
CA TYR A 245 -7.42 4.75 1.13
C TYR A 245 -5.90 4.80 1.10
N ALA A 246 -5.29 4.30 2.18
CA ALA A 246 -3.84 4.27 2.27
C ALA A 246 -3.26 3.29 1.26
N LEU A 247 -3.90 2.12 1.15
CA LEU A 247 -3.50 1.11 0.18
C LEU A 247 -3.51 1.67 -1.23
N LEU A 248 -4.56 2.42 -1.56
CA LEU A 248 -4.66 3.06 -2.86
C LEU A 248 -3.57 4.11 -3.06
N ALA A 249 -3.20 4.79 -1.98
CA ALA A 249 -2.13 5.78 -2.02
C ALA A 249 -0.78 5.09 -2.20
N LEU A 250 -0.61 3.96 -1.52
CA LEU A 250 0.63 3.19 -1.61
C LEU A 250 0.80 2.58 -3.01
N LEU A 251 -0.31 2.13 -3.59
CA LEU A 251 -0.30 1.59 -4.94
C LEU A 251 -0.01 2.67 -5.97
N GLN A 252 -0.38 3.90 -5.65
CA GLN A 252 -0.12 5.03 -6.52
C GLN A 252 1.36 5.40 -6.48
N LEU A 253 1.98 5.19 -5.32
CA LEU A 253 3.39 5.51 -5.12
C LEU A 253 4.29 4.35 -5.55
N LYS A 254 3.66 3.25 -5.96
CA LYS A 254 4.38 2.02 -6.33
C LYS A 254 5.23 1.50 -5.17
N ASP A 255 4.78 1.78 -3.95
CA ASP A 255 5.49 1.35 -2.75
C ASP A 255 5.09 -0.08 -2.38
N PHE A 256 5.82 -1.05 -2.91
CA PHE A 256 5.51 -2.45 -2.64
C PHE A 256 6.30 -3.01 -1.46
N ASP A 257 6.82 -2.10 -0.63
CA ASP A 257 7.40 -2.47 0.66
C ASP A 257 6.33 -2.30 1.74
N PHE A 258 5.45 -1.33 1.53
CA PHE A 258 4.39 -1.04 2.49
C PHE A 258 3.07 -1.72 2.14
N VAL A 259 2.92 -2.11 0.88
CA VAL A 259 1.69 -2.76 0.41
C VAL A 259 1.39 -4.13 1.05
N PRO A 260 2.36 -5.07 1.04
CA PRO A 260 2.05 -6.39 1.60
C PRO A 260 1.56 -6.44 3.06
N PRO A 261 2.20 -5.71 4.00
CA PRO A 261 1.68 -5.81 5.37
C PRO A 261 0.29 -5.16 5.51
N VAL A 262 0.01 -4.16 4.69
CA VAL A 262 -1.29 -3.50 4.72
C VAL A 262 -2.38 -4.42 4.19
N VAL A 263 -2.11 -5.05 3.04
CA VAL A 263 -3.03 -6.00 2.45
C VAL A 263 -3.25 -7.19 3.38
N ARG A 264 -2.16 -7.64 4.00
CA ARG A 264 -2.20 -8.79 4.91
C ARG A 264 -3.11 -8.51 6.10
N TRP A 265 -3.07 -7.27 6.59
CA TRP A 265 -3.91 -6.86 7.72
C TRP A 265 -5.37 -6.80 7.31
N LEU A 266 -5.63 -6.23 6.14
CA LEU A 266 -6.98 -6.10 5.61
C LEU A 266 -7.67 -7.45 5.43
N ASN A 267 -6.90 -8.44 4.99
CA ASN A 267 -7.42 -9.79 4.78
C ASN A 267 -7.66 -10.54 6.09
N GLU A 268 -6.94 -10.15 7.13
CA GLU A 268 -7.10 -10.77 8.44
C GLU A 268 -8.23 -10.14 9.24
N GLN A 269 -8.88 -9.15 8.65
CA GLN A 269 -10.05 -8.53 9.25
C GLN A 269 -11.31 -9.28 8.81
N ARG A 270 -11.19 -9.98 7.70
CA ARG A 270 -12.27 -10.79 7.13
C ARG A 270 -13.55 -9.98 6.93
N TYR A 271 -13.41 -8.83 6.27
CA TYR A 271 -14.56 -7.96 5.99
C TYR A 271 -15.03 -8.15 4.56
N TYR A 272 -16.32 -8.40 4.40
CA TYR A 272 -16.88 -8.66 3.08
C TYR A 272 -18.04 -7.71 2.75
N GLY A 273 -18.16 -6.64 3.53
CA GLY A 273 -19.16 -5.63 3.28
C GLY A 273 -20.56 -6.03 3.72
N GLY A 274 -21.53 -5.17 3.42
CA GLY A 274 -22.92 -5.43 3.76
C GLY A 274 -23.25 -5.03 5.18
N GLY A 275 -24.50 -4.64 5.41
CA GLY A 275 -24.95 -4.26 6.74
C GLY A 275 -25.22 -2.77 6.88
N TYR A 276 -25.72 -2.38 8.04
CA TYR A 276 -26.02 -0.98 8.33
C TYR A 276 -24.74 -0.14 8.43
N GLY A 277 -24.67 0.90 7.60
CA GLY A 277 -23.54 1.82 7.63
C GLY A 277 -22.24 1.19 7.16
N SER A 278 -22.32 0.41 6.10
CA SER A 278 -21.15 -0.31 5.59
C SER A 278 -20.80 0.16 4.18
N THR A 279 -21.46 1.20 3.71
CA THR A 279 -21.34 1.65 2.33
C THR A 279 -19.92 2.01 1.90
N GLN A 280 -19.29 2.91 2.66
CA GLN A 280 -17.94 3.37 2.32
C GLN A 280 -16.89 2.27 2.45
N ALA A 281 -16.96 1.52 3.54
CA ALA A 281 -16.02 0.43 3.79
C ALA A 281 -16.14 -0.64 2.70
N THR A 282 -17.37 -0.95 2.31
CA THR A 282 -17.61 -1.94 1.26
C THR A 282 -17.05 -1.45 -0.07
N PHE A 283 -17.26 -0.17 -0.37
CA PHE A 283 -16.79 0.40 -1.61
C PHE A 283 -15.27 0.53 -1.63
N MET A 284 -14.71 0.94 -0.49
CA MET A 284 -13.26 1.17 -0.39
C MET A 284 -12.44 -0.11 -0.34
N VAL A 285 -12.84 -1.06 0.51
CA VAL A 285 -12.05 -2.26 0.72
C VAL A 285 -11.97 -3.13 -0.54
N PHE A 286 -12.91 -2.94 -1.47
CA PHE A 286 -12.93 -3.72 -2.69
C PHE A 286 -12.38 -2.94 -3.90
N GLN A 287 -12.39 -1.62 -3.82
CA GLN A 287 -11.75 -0.80 -4.84
C GLN A 287 -10.25 -0.90 -4.67
N ALA A 288 -9.82 -0.96 -3.41
CA ALA A 288 -8.40 -1.02 -3.07
C ALA A 288 -7.80 -2.39 -3.36
N LEU A 289 -8.49 -3.44 -2.92
CA LEU A 289 -8.02 -4.81 -3.14
C LEU A 289 -7.99 -5.18 -4.61
N ALA A 290 -8.95 -4.66 -5.38
CA ALA A 290 -8.99 -4.90 -6.81
C ALA A 290 -7.84 -4.17 -7.50
N GLN A 291 -7.56 -2.96 -7.04
CA GLN A 291 -6.44 -2.18 -7.56
C GLN A 291 -5.12 -2.88 -7.22
N TYR A 292 -5.11 -3.56 -6.08
CA TYR A 292 -3.95 -4.34 -5.68
C TYR A 292 -3.74 -5.52 -6.63
N GLN A 293 -4.81 -6.23 -6.93
CA GLN A 293 -4.75 -7.38 -7.84
C GLN A 293 -4.27 -6.97 -9.23
N LYS A 294 -4.70 -5.79 -9.66
CA LYS A 294 -4.33 -5.26 -10.96
C LYS A 294 -2.85 -4.85 -10.99
N ASP A 295 -2.34 -4.42 -9.85
CA ASP A 295 -1.00 -3.85 -9.78
C ASP A 295 0.05 -4.80 -9.19
N ALA A 296 -0.39 -5.85 -8.50
CA ALA A 296 0.54 -6.78 -7.88
C ALA A 296 1.27 -7.65 -8.90
N PRO A 297 2.61 -7.67 -8.82
CA PRO A 297 3.45 -8.50 -9.70
C PRO A 297 3.21 -9.98 -9.45
N ASP B 9 39.64 -17.99 11.43
CA ASP B 9 40.38 -16.97 10.70
C ASP B 9 39.49 -16.30 9.66
N SER B 10 38.27 -15.96 10.06
CA SER B 10 37.31 -15.34 9.17
C SER B 10 36.16 -14.67 9.93
N ASP B 11 35.86 -13.43 9.56
CA ASP B 11 34.74 -12.71 10.16
C ASP B 11 33.56 -12.67 9.19
N ILE B 12 32.44 -13.26 9.61
CA ILE B 12 31.26 -13.35 8.75
C ILE B 12 30.11 -12.50 9.28
N ALA B 13 29.67 -11.54 8.47
CA ALA B 13 28.57 -10.66 8.85
C ALA B 13 27.32 -10.96 8.04
N PHE B 14 26.16 -10.83 8.67
CA PHE B 14 24.89 -11.07 8.00
C PHE B 14 24.06 -9.79 7.87
N LEU B 15 23.78 -9.40 6.63
CA LEU B 15 22.91 -8.26 6.36
C LEU B 15 21.60 -8.76 5.76
N ILE B 16 20.60 -8.95 6.62
CA ILE B 16 19.34 -9.55 6.17
C ILE B 16 18.24 -8.51 5.91
N ASP B 17 17.49 -8.74 4.84
CA ASP B 17 16.39 -7.85 4.47
C ASP B 17 15.20 -8.09 5.39
N GLY B 18 14.69 -7.00 5.96
CA GLY B 18 13.52 -7.07 6.83
C GLY B 18 12.41 -6.16 6.36
N SER B 19 12.48 -5.74 5.11
CA SER B 19 11.46 -4.88 4.53
C SER B 19 10.13 -5.61 4.35
N GLY B 20 9.06 -4.85 4.19
CA GLY B 20 7.73 -5.42 4.07
C GLY B 20 7.52 -6.21 2.79
N SER B 21 8.39 -6.01 1.81
CA SER B 21 8.34 -6.78 0.57
C SER B 21 8.74 -8.23 0.84
N ILE B 22 9.39 -8.46 1.97
CA ILE B 22 9.73 -9.81 2.40
C ILE B 22 8.59 -10.40 3.23
N ILE B 23 7.87 -11.35 2.66
CA ILE B 23 6.78 -12.02 3.36
C ILE B 23 7.31 -12.80 4.56
N PRO B 24 6.51 -12.89 5.63
CA PRO B 24 6.89 -13.57 6.87
C PRO B 24 7.42 -14.99 6.64
N HIS B 25 6.96 -15.64 5.59
CA HIS B 25 7.42 -16.98 5.26
C HIS B 25 8.86 -16.96 4.79
N ASP B 26 9.18 -16.01 3.93
CA ASP B 26 10.54 -15.85 3.41
C ASP B 26 11.49 -15.37 4.50
N PHE B 27 10.95 -14.72 5.52
CA PHE B 27 11.75 -14.24 6.62
C PHE B 27 12.14 -15.39 7.55
N ARG B 28 11.26 -16.37 7.66
CA ARG B 28 11.57 -17.58 8.41
C ARG B 28 12.68 -18.35 7.70
N ARG B 29 12.61 -18.40 6.38
CA ARG B 29 13.66 -19.02 5.57
C ARG B 29 15.00 -18.34 5.84
N MET B 30 14.97 -17.00 5.88
CA MET B 30 16.15 -16.21 6.23
C MET B 30 16.63 -16.56 7.63
N LYS B 31 15.68 -16.66 8.55
CA LYS B 31 15.98 -16.88 9.96
C LYS B 31 16.49 -18.31 10.21
N GLU B 32 16.07 -19.23 9.35
CA GLU B 32 16.50 -20.62 9.48
C GLU B 32 17.78 -20.88 8.70
N PHE B 33 17.98 -20.16 7.61
CA PHE B 33 19.17 -20.29 6.78
C PHE B 33 20.42 -19.89 7.57
N VAL B 34 20.32 -18.78 8.28
CA VAL B 34 21.42 -18.29 9.10
C VAL B 34 21.80 -19.29 10.19
N SER B 35 20.78 -19.91 10.78
CA SER B 35 20.99 -20.90 11.83
C SER B 35 21.74 -22.12 11.30
N THR B 36 21.45 -22.49 10.05
CA THR B 36 22.12 -23.61 9.41
C THR B 36 23.58 -23.29 9.11
N VAL B 37 23.81 -22.09 8.59
CA VAL B 37 25.16 -21.64 8.26
C VAL B 37 26.04 -21.55 9.50
N MET B 38 25.45 -21.12 10.62
CA MET B 38 26.22 -21.00 11.86
C MET B 38 26.45 -22.33 12.54
N GLU B 39 25.51 -23.26 12.41
CA GLU B 39 25.65 -24.58 13.04
C GLU B 39 26.53 -25.52 12.23
N GLN B 40 26.38 -25.49 10.90
CA GLN B 40 27.13 -26.39 10.04
C GLN B 40 28.50 -25.79 9.71
N LEU B 41 28.85 -24.72 10.40
CA LEU B 41 30.16 -24.10 10.23
C LEU B 41 30.73 -23.63 11.57
N LYS B 42 30.84 -24.57 12.51
CA LYS B 42 31.54 -24.31 13.77
C LYS B 42 32.23 -25.58 14.27
N LYS B 43 33.43 -25.84 13.79
CA LYS B 43 34.08 -24.99 12.80
C LYS B 43 34.55 -23.63 13.35
N SER B 44 35.23 -23.64 14.50
CA SER B 44 35.83 -22.42 15.02
C SER B 44 37.17 -22.21 14.31
N LYS B 45 37.73 -21.00 14.33
CA LYS B 45 37.22 -19.84 15.06
C LYS B 45 36.55 -18.82 14.15
N THR B 46 35.49 -19.23 13.46
CA THR B 46 34.72 -18.31 12.63
C THR B 46 33.82 -17.45 13.51
N LEU B 47 33.87 -16.14 13.31
CA LEU B 47 33.02 -15.22 14.06
C LEU B 47 31.81 -14.78 13.25
N PHE B 48 30.69 -14.60 13.94
CA PHE B 48 29.45 -14.22 13.26
C PHE B 48 28.83 -12.94 13.82
N SER B 49 28.29 -12.13 12.92
CA SER B 49 27.56 -10.91 13.30
C SER B 49 26.37 -10.75 12.38
N LEU B 50 25.27 -10.22 12.92
CA LEU B 50 24.05 -10.08 12.14
C LEU B 50 23.39 -8.71 12.34
N MET B 51 22.97 -8.10 11.24
CA MET B 51 22.19 -6.87 11.30
C MET B 51 21.02 -6.95 10.34
N GLN B 52 19.82 -6.68 10.86
CA GLN B 52 18.63 -6.63 10.02
C GLN B 52 18.37 -5.20 9.58
N TYR B 53 18.01 -5.02 8.32
CA TYR B 53 17.78 -3.68 7.79
C TYR B 53 16.44 -3.54 7.09
N SER B 54 15.96 -2.30 7.02
CA SER B 54 14.76 -1.95 6.28
C SER B 54 14.88 -0.48 5.91
N GLU B 55 14.05 0.35 6.52
CA GLU B 55 14.26 1.79 6.47
C GLU B 55 14.98 2.20 7.74
N GLU B 56 15.05 1.25 8.68
CA GLU B 56 15.81 1.40 9.91
C GLU B 56 16.85 0.29 9.99
N PHE B 57 17.68 0.34 11.03
CA PHE B 57 18.78 -0.62 11.16
C PHE B 57 18.91 -1.14 12.59
N ARG B 58 19.12 -2.45 12.72
CA ARG B 58 19.20 -3.07 14.03
C ARG B 58 20.24 -4.18 14.08
N ILE B 59 21.28 -3.98 14.89
CA ILE B 59 22.29 -5.00 15.11
C ILE B 59 21.82 -5.96 16.20
N HIS B 60 21.60 -7.21 15.84
CA HIS B 60 21.10 -8.19 16.79
C HIS B 60 22.22 -8.82 17.62
N PHE B 61 23.35 -9.08 16.99
CA PHE B 61 24.55 -9.49 17.71
C PHE B 61 25.84 -9.15 16.97
N THR B 62 26.80 -8.62 17.69
CA THR B 62 28.11 -8.28 17.13
C THR B 62 29.05 -9.47 17.24
N PHE B 63 30.28 -9.29 16.80
CA PHE B 63 31.28 -10.36 16.89
C PHE B 63 31.67 -10.64 18.34
N LYS B 64 31.60 -9.62 19.17
CA LYS B 64 31.86 -9.76 20.60
C LYS B 64 30.73 -10.53 21.27
N GLU B 65 29.50 -10.13 20.98
CA GLU B 65 28.32 -10.71 21.60
C GLU B 65 28.09 -12.16 21.17
N PHE B 66 28.66 -12.54 20.03
CA PHE B 66 28.57 -13.91 19.56
C PHE B 66 29.64 -14.79 20.22
N GLN B 67 30.77 -14.18 20.55
CA GLN B 67 31.87 -14.91 21.18
C GLN B 67 31.51 -15.28 22.62
N ASN B 68 30.56 -14.55 23.20
CA ASN B 68 30.12 -14.81 24.56
C ASN B 68 28.96 -15.82 24.60
N ASN B 69 28.17 -15.84 23.53
CA ASN B 69 27.04 -16.75 23.44
C ASN B 69 27.16 -17.64 22.19
N PRO B 70 27.61 -18.89 22.38
CA PRO B 70 27.88 -19.82 21.28
C PRO B 70 26.62 -20.34 20.59
N ASN B 71 25.54 -20.52 21.35
CA ASN B 71 24.30 -21.07 20.81
C ASN B 71 23.71 -20.25 19.68
N PRO B 72 23.70 -20.82 18.46
CA PRO B 72 23.23 -20.13 17.25
C PRO B 72 21.73 -19.88 17.26
N ARG B 73 20.95 -20.90 17.62
CA ARG B 73 19.50 -20.79 17.58
C ARG B 73 18.96 -19.84 18.65
N SER B 74 19.80 -19.52 19.63
CA SER B 74 19.40 -18.65 20.73
C SER B 74 19.50 -17.17 20.35
N LEU B 75 20.49 -16.84 19.54
CA LEU B 75 20.73 -15.45 19.15
C LEU B 75 19.80 -14.99 18.02
N VAL B 76 19.19 -15.95 17.33
CA VAL B 76 18.38 -15.64 16.17
C VAL B 76 16.89 -15.82 16.43
N LYS B 77 16.56 -16.58 17.49
CA LYS B 77 15.17 -16.82 17.86
C LYS B 77 14.32 -15.57 18.12
N PRO B 78 14.81 -14.63 18.95
CA PRO B 78 13.94 -13.48 19.24
C PRO B 78 13.92 -12.42 18.14
N ILE B 79 14.63 -12.67 17.04
CA ILE B 79 14.68 -11.72 15.92
C ILE B 79 13.32 -11.58 15.24
N THR B 80 12.86 -10.34 15.08
CA THR B 80 11.60 -10.08 14.39
C THR B 80 11.84 -9.24 13.13
N GLN B 81 10.76 -8.90 12.44
CA GLN B 81 10.87 -8.16 11.18
C GLN B 81 10.61 -6.67 11.38
N LEU B 82 11.32 -5.84 10.62
CA LEU B 82 11.23 -4.39 10.75
C LEU B 82 10.07 -3.77 9.95
N LEU B 83 9.80 -4.35 8.77
CA LEU B 83 8.65 -3.97 7.94
C LEU B 83 8.67 -2.56 7.36
N GLY B 84 9.85 -1.95 7.26
CA GLY B 84 9.96 -0.64 6.66
C GLY B 84 10.11 -0.73 5.15
N ARG B 85 10.78 0.25 4.55
CA ARG B 85 11.13 0.17 3.14
C ARG B 85 12.41 -0.64 3.00
N THR B 86 13.09 -0.51 1.86
CA THR B 86 14.29 -1.31 1.63
C THR B 86 15.52 -0.45 1.33
N HIS B 87 16.37 -0.25 2.34
CA HIS B 87 17.60 0.52 2.17
C HIS B 87 18.82 -0.40 2.16
N THR B 88 19.08 -1.03 1.02
CA THR B 88 20.16 -2.00 0.89
C THR B 88 21.54 -1.35 0.91
N ALA B 89 21.70 -0.27 0.15
CA ALA B 89 22.99 0.41 0.03
C ALA B 89 23.49 0.94 1.37
N THR B 90 22.61 1.63 2.10
CA THR B 90 22.96 2.20 3.39
C THR B 90 23.33 1.10 4.38
N GLY B 91 22.65 -0.04 4.26
CA GLY B 91 22.93 -1.19 5.10
C GLY B 91 24.32 -1.74 4.87
N ILE B 92 24.74 -1.76 3.60
CA ILE B 92 26.07 -2.25 3.24
C ILE B 92 27.16 -1.32 3.79
N ARG B 93 26.92 -0.02 3.70
CA ARG B 93 27.86 0.97 4.22
C ARG B 93 27.98 0.87 5.73
N LYS B 94 26.85 0.65 6.41
CA LYS B 94 26.85 0.53 7.86
C LYS B 94 27.58 -0.72 8.35
N VAL B 95 27.54 -1.78 7.55
CA VAL B 95 28.21 -3.03 7.90
C VAL B 95 29.73 -2.89 7.88
N VAL B 96 30.26 -2.32 6.80
CA VAL B 96 31.70 -2.21 6.62
C VAL B 96 32.35 -1.20 7.59
N ARG B 97 31.58 -0.21 8.02
CA ARG B 97 32.11 0.84 8.88
C ARG B 97 31.94 0.54 10.37
N GLU B 98 30.89 -0.21 10.71
CA GLU B 98 30.59 -0.46 12.11
C GLU B 98 30.86 -1.91 12.54
N LEU B 99 30.26 -2.86 11.84
CA LEU B 99 30.40 -4.27 12.19
C LEU B 99 31.82 -4.78 11.99
N PHE B 100 32.54 -4.18 11.03
CA PHE B 100 33.90 -4.59 10.74
C PHE B 100 34.93 -3.74 11.50
N ASN B 101 34.45 -2.96 12.46
CA ASN B 101 35.35 -2.20 13.32
C ASN B 101 35.85 -3.09 14.45
N ILE B 102 37.12 -2.92 14.80
CA ILE B 102 37.75 -3.73 15.84
C ILE B 102 37.05 -3.56 17.19
N THR B 103 36.46 -2.37 17.39
CA THR B 103 35.75 -2.07 18.62
C THR B 103 34.47 -2.90 18.79
N ASN B 104 34.06 -3.58 17.72
CA ASN B 104 32.86 -4.42 17.76
C ASN B 104 33.18 -5.91 17.84
N GLY B 105 34.44 -6.27 17.63
CA GLY B 105 34.87 -7.66 17.71
C GLY B 105 35.60 -8.13 16.48
N ALA B 106 35.69 -7.27 15.47
CA ALA B 106 36.41 -7.61 14.24
C ALA B 106 37.89 -7.80 14.52
N ARG B 107 38.41 -8.96 14.13
CA ARG B 107 39.81 -9.30 14.39
C ARG B 107 40.72 -8.85 13.26
N LYS B 108 41.93 -8.43 13.62
CA LYS B 108 42.91 -7.97 12.64
C LYS B 108 43.40 -9.13 11.77
N ASN B 109 43.59 -8.85 10.48
CA ASN B 109 44.06 -9.84 9.51
C ASN B 109 43.19 -11.08 9.43
N ALA B 110 41.87 -10.88 9.57
CA ALA B 110 40.91 -11.95 9.40
C ALA B 110 40.02 -11.65 8.20
N PHE B 111 39.59 -12.70 7.51
CA PHE B 111 38.74 -12.54 6.33
C PHE B 111 37.41 -11.88 6.65
N LYS B 112 37.08 -10.82 5.91
CA LYS B 112 35.81 -10.13 6.09
C LYS B 112 34.78 -10.64 5.09
N ILE B 113 33.72 -11.26 5.60
CA ILE B 113 32.68 -11.81 4.74
C ILE B 113 31.32 -11.19 5.03
N LEU B 114 30.71 -10.61 4.00
CA LEU B 114 29.37 -10.04 4.12
C LEU B 114 28.35 -10.88 3.37
N VAL B 115 27.33 -11.35 4.07
CA VAL B 115 26.29 -12.17 3.47
C VAL B 115 24.98 -11.39 3.34
N VAL B 116 24.81 -10.72 2.21
CA VAL B 116 23.61 -9.92 1.97
C VAL B 116 22.44 -10.79 1.55
N ILE B 117 21.43 -10.88 2.40
CA ILE B 117 20.23 -11.65 2.09
C ILE B 117 19.06 -10.71 1.80
N THR B 118 18.80 -10.48 0.52
CA THR B 118 17.76 -9.55 0.09
C THR B 118 16.97 -10.09 -1.09
N ASP B 119 15.88 -9.43 -1.45
CA ASP B 119 15.06 -9.85 -2.58
C ASP B 119 15.47 -9.12 -3.86
N GLY B 120 16.55 -8.35 -3.78
CA GLY B 120 17.10 -7.67 -4.94
C GLY B 120 16.26 -6.50 -5.43
N GLU B 121 15.57 -5.83 -4.50
CA GLU B 121 14.78 -4.66 -4.85
C GLU B 121 14.95 -3.56 -3.81
N LYS B 122 15.98 -2.72 -4.01
CA LYS B 122 16.22 -1.59 -3.13
C LYS B 122 15.19 -0.50 -3.41
N PHE B 123 14.72 0.16 -2.36
CA PHE B 123 13.67 1.17 -2.52
C PHE B 123 13.67 2.20 -1.39
N GLY B 124 13.69 3.47 -1.77
CA GLY B 124 13.63 4.56 -0.81
C GLY B 124 14.99 4.91 -0.23
N ASP B 125 16.03 4.23 -0.71
CA ASP B 125 17.39 4.44 -0.21
C ASP B 125 18.02 5.66 -0.88
N PRO B 126 18.42 6.65 -0.07
CA PRO B 126 19.11 7.84 -0.58
C PRO B 126 20.48 7.48 -1.15
N LEU B 127 21.06 6.39 -0.65
CA LEU B 127 22.35 5.91 -1.14
C LEU B 127 22.19 4.97 -2.32
N GLY B 128 23.09 5.06 -3.29
CA GLY B 128 23.10 4.15 -4.42
C GLY B 128 24.16 3.09 -4.22
N TYR B 129 24.19 2.11 -5.11
CA TYR B 129 25.20 1.05 -5.03
C TYR B 129 26.57 1.55 -5.44
N GLU B 130 26.60 2.58 -6.28
CA GLU B 130 27.86 3.15 -6.75
C GLU B 130 28.51 4.06 -5.71
N ASP B 131 27.90 4.13 -4.52
CA ASP B 131 28.43 4.97 -3.45
C ASP B 131 28.94 4.13 -2.29
N VAL B 132 28.62 2.84 -2.29
CA VAL B 132 29.01 1.96 -1.20
C VAL B 132 29.90 0.81 -1.66
N ILE B 133 29.86 0.50 -2.95
CA ILE B 133 30.66 -0.58 -3.52
C ILE B 133 32.16 -0.25 -3.67
N PRO B 134 32.50 0.94 -4.21
CA PRO B 134 33.94 1.24 -4.30
C PRO B 134 34.61 1.40 -2.93
N GLU B 135 33.81 1.58 -1.89
CA GLU B 135 34.34 1.67 -0.54
C GLU B 135 34.51 0.28 0.07
N ALA B 136 33.68 -0.65 -0.37
CA ALA B 136 33.74 -2.03 0.11
C ALA B 136 34.90 -2.79 -0.54
N ASP B 137 35.37 -2.27 -1.67
CA ASP B 137 36.47 -2.91 -2.39
C ASP B 137 37.82 -2.50 -1.82
N ARG B 138 37.95 -1.22 -1.45
CA ARG B 138 39.19 -0.70 -0.89
C ARG B 138 39.42 -1.17 0.54
N GLU B 139 38.38 -1.74 1.14
CA GLU B 139 38.48 -2.31 2.48
C GLU B 139 38.64 -3.83 2.40
N GLY B 140 38.43 -4.38 1.21
CA GLY B 140 38.56 -5.80 0.98
C GLY B 140 37.50 -6.60 1.72
N VAL B 141 36.25 -6.45 1.30
CA VAL B 141 35.14 -7.16 1.92
C VAL B 141 34.51 -8.16 0.96
N ILE B 142 34.64 -9.44 1.28
CA ILE B 142 34.05 -10.50 0.48
C ILE B 142 32.53 -10.45 0.60
N ARG B 143 31.85 -10.37 -0.55
CA ARG B 143 30.41 -10.19 -0.56
C ARG B 143 29.66 -11.36 -1.20
N TYR B 144 28.88 -12.06 -0.37
CA TYR B 144 28.01 -13.12 -0.85
C TYR B 144 26.55 -12.65 -0.81
N VAL B 145 25.78 -13.00 -1.82
CA VAL B 145 24.39 -12.58 -1.90
C VAL B 145 23.43 -13.77 -1.95
N ILE B 146 22.43 -13.76 -1.09
CA ILE B 146 21.43 -14.82 -1.03
C ILE B 146 20.05 -14.29 -1.39
N GLY B 147 19.65 -14.49 -2.63
CA GLY B 147 18.37 -14.00 -3.12
C GLY B 147 17.18 -14.75 -2.56
N VAL B 148 16.10 -14.03 -2.27
CA VAL B 148 14.88 -14.62 -1.73
C VAL B 148 13.68 -14.22 -2.56
N GLY B 149 12.57 -14.93 -2.38
CA GLY B 149 11.33 -14.64 -3.07
C GLY B 149 11.45 -14.70 -4.57
N ASP B 150 11.24 -13.56 -5.23
CA ASP B 150 11.34 -13.48 -6.67
C ASP B 150 12.54 -12.61 -7.08
N ALA B 151 13.68 -12.87 -6.45
CA ALA B 151 14.90 -12.11 -6.73
C ALA B 151 15.50 -12.49 -8.07
N PHE B 152 15.10 -13.63 -8.60
CA PHE B 152 15.61 -14.12 -9.87
C PHE B 152 14.55 -14.02 -10.96
N ARG B 153 13.39 -13.48 -10.60
CA ARG B 153 12.28 -13.32 -11.53
C ARG B 153 12.57 -12.26 -12.59
N SER B 154 12.90 -11.05 -12.12
CA SER B 154 13.12 -9.92 -13.03
C SER B 154 14.55 -9.86 -13.55
N GLU B 155 14.85 -8.80 -14.29
CA GLU B 155 16.18 -8.58 -14.84
C GLU B 155 16.93 -7.55 -14.02
N LYS B 156 16.21 -6.51 -13.57
CA LYS B 156 16.81 -5.49 -12.71
C LYS B 156 17.10 -6.06 -11.33
N SER B 157 16.36 -7.08 -10.94
CA SER B 157 16.56 -7.72 -9.63
C SER B 157 17.76 -8.65 -9.65
N ARG B 158 17.92 -9.39 -10.74
CA ARG B 158 19.04 -10.33 -10.86
C ARG B 158 20.36 -9.60 -11.07
N GLN B 159 20.31 -8.44 -11.71
CA GLN B 159 21.51 -7.64 -11.94
C GLN B 159 21.89 -6.88 -10.68
N GLU B 160 20.91 -6.70 -9.79
CA GLU B 160 21.15 -6.04 -8.52
C GLU B 160 21.88 -7.00 -7.57
N LEU B 161 21.51 -8.27 -7.64
CA LEU B 161 22.19 -9.31 -6.86
C LEU B 161 23.63 -9.43 -7.31
N ASN B 162 23.86 -9.32 -8.61
CA ASN B 162 25.20 -9.35 -9.17
C ASN B 162 25.97 -8.07 -8.85
N THR B 163 25.22 -6.99 -8.67
CA THR B 163 25.81 -5.69 -8.35
C THR B 163 26.34 -5.69 -6.92
N ILE B 164 25.55 -6.22 -6.00
CA ILE B 164 25.95 -6.31 -4.59
C ILE B 164 27.12 -7.28 -4.43
N ALA B 165 27.03 -8.43 -5.09
CA ALA B 165 28.08 -9.43 -5.03
C ALA B 165 29.32 -8.97 -5.79
N SER B 166 30.48 -9.51 -5.40
CA SER B 166 31.73 -9.18 -6.07
C SER B 166 31.90 -10.01 -7.34
N LYS B 167 33.06 -9.89 -7.97
CA LYS B 167 33.32 -10.59 -9.23
C LYS B 167 34.26 -11.78 -9.03
N PRO B 168 33.95 -12.92 -9.67
CA PRO B 168 32.78 -13.12 -10.55
C PRO B 168 31.50 -13.37 -9.76
N PRO B 169 30.35 -12.99 -10.33
CA PRO B 169 29.05 -13.10 -9.65
C PRO B 169 28.49 -14.53 -9.65
N ARG B 170 29.11 -15.42 -10.42
CA ARG B 170 28.63 -16.79 -10.52
C ARG B 170 29.05 -17.66 -9.34
N ASP B 171 29.92 -17.11 -8.50
CA ASP B 171 30.41 -17.84 -7.34
C ASP B 171 29.84 -17.28 -6.04
N HIS B 172 29.05 -16.22 -6.14
CA HIS B 172 28.58 -15.51 -4.96
C HIS B 172 27.06 -15.53 -4.82
N VAL B 173 26.36 -15.58 -5.94
CA VAL B 173 24.90 -15.53 -5.93
C VAL B 173 24.26 -16.92 -5.83
N PHE B 174 23.48 -17.13 -4.77
CA PHE B 174 22.81 -18.40 -4.55
C PHE B 174 21.36 -18.19 -4.13
N GLN B 175 20.54 -19.21 -4.33
CA GLN B 175 19.15 -19.16 -3.88
C GLN B 175 19.05 -19.62 -2.43
N VAL B 176 18.10 -19.04 -1.70
CA VAL B 176 18.01 -19.25 -0.25
C VAL B 176 17.66 -20.69 0.16
N ASN B 177 16.74 -21.31 -0.56
CA ASN B 177 16.28 -22.66 -0.20
C ASN B 177 17.34 -23.75 -0.35
N ASN B 178 18.43 -23.44 -1.04
CA ASN B 178 19.52 -24.38 -1.23
C ASN B 178 20.20 -24.76 0.09
N PHE B 179 20.12 -26.04 0.44
CA PHE B 179 20.80 -26.54 1.63
C PHE B 179 22.27 -26.82 1.33
N GLU B 180 22.59 -26.85 0.04
CA GLU B 180 23.97 -27.10 -0.40
C GLU B 180 24.70 -25.78 -0.62
N ALA B 181 24.20 -24.72 0.00
CA ALA B 181 24.79 -23.39 -0.15
C ALA B 181 26.09 -23.24 0.64
N LEU B 182 26.23 -24.04 1.69
CA LEU B 182 27.41 -23.96 2.55
C LEU B 182 28.49 -24.93 2.11
N LYS B 183 28.09 -26.11 1.64
CA LYS B 183 29.05 -27.13 1.21
C LYS B 183 29.71 -26.76 -0.11
N THR B 184 29.17 -25.75 -0.78
CA THR B 184 29.67 -25.32 -2.08
C THR B 184 30.69 -24.20 -1.92
N ILE B 185 30.63 -23.50 -0.79
CA ILE B 185 31.51 -22.34 -0.57
C ILE B 185 32.71 -22.68 0.31
N GLN B 186 32.66 -23.81 1.00
CA GLN B 186 33.76 -24.24 1.86
C GLN B 186 34.98 -24.63 1.03
N ASN B 187 34.74 -25.34 -0.06
CA ASN B 187 35.82 -25.76 -0.94
C ASN B 187 36.28 -24.65 -1.88
#